data_1NDY
#
_entry.id   1NDY
#
_cell.length_a   77.92
_cell.length_b   77.92
_cell.length_c   136.32
_cell.angle_alpha   90
_cell.angle_beta   90
_cell.angle_gamma   90
#
_symmetry.space_group_name_H-M   'P 43 21 2'
#
loop_
_entity.id
_entity.type
_entity.pdbx_description
1 polymer 'Adenosine Deaminase'
2 non-polymer 'ZINC ION'
3 non-polymer 1-((1R)-1-(HYDROXYMETHYL)-3-(1-NAPHTHYL)PROPYL)-1H-IMIDAZOLE-4-CARBOXAMIDE
4 water water
#
_entity_poly.entity_id   1
_entity_poly.type   'polypeptide(L)'
_entity_poly.pdbx_seq_one_letter_code
;AQTPAFDKPKVELHVHLDGAIKPETILYYGKRRGIALPADTPEELQNIIGMDKPLTLPDFLAKFDYYMPAIAGCRDAIKR
IAYEFVEMKAKDGVVYVEVRYSPHLLANSKVEPIPWNQAEGDLTPDEVVSLVNQGLQEGERDFGVKVRSILCCMRHQPSW
SSEVVELCKKYREQTVVAIDLAGDETIEGSSLFPGHVQAYAEAVKSGVHRTVHAGEVGSANVVKEAVDTLKTERLGHGYH
TLEDTTLYNRLRQENMHFEICPWSSYLTGAWKPDTEHAVIRFKNDQVNYSLNTDDPLIFKSTLDTDYQMTKKDMGFTEEE
FKRLNINAAKSSFLPEDEKKELLDLLYKAYRMPSPA
;
_entity_poly.pdbx_strand_id   A
#
# COMPACT_ATOMS: atom_id res chain seq x y z
N THR A 3 23.78 1.04 -12.72
CA THR A 3 22.89 0.96 -11.51
C THR A 3 21.36 1.03 -11.73
N PRO A 4 20.65 2.15 -11.67
CA PRO A 4 19.17 2.15 -11.69
C PRO A 4 18.46 1.38 -12.79
N ALA A 5 17.81 0.32 -12.30
CA ALA A 5 17.46 -0.74 -13.23
C ALA A 5 16.47 -0.50 -14.36
N PHE A 6 15.68 0.56 -14.11
CA PHE A 6 14.73 1.13 -15.07
C PHE A 6 14.59 2.61 -14.73
N ASP A 7 15.30 3.40 -15.56
CA ASP A 7 15.40 4.86 -15.39
C ASP A 7 14.52 5.69 -16.36
N LYS A 8 13.24 5.28 -16.27
CA LYS A 8 12.11 5.79 -17.01
C LYS A 8 11.00 6.11 -15.96
N PRO A 9 10.03 6.92 -16.29
CA PRO A 9 8.95 7.13 -15.34
C PRO A 9 8.17 5.79 -14.99
N LYS A 10 7.73 5.83 -13.72
CA LYS A 10 6.98 4.71 -13.09
C LYS A 10 5.65 5.08 -12.46
N VAL A 11 4.86 3.95 -12.34
CA VAL A 11 3.62 4.17 -11.62
C VAL A 11 3.65 3.15 -10.42
N GLU A 12 3.11 3.59 -9.28
CA GLU A 12 3.04 2.67 -8.19
C GLU A 12 1.72 2.65 -7.52
N LEU A 13 1.18 1.40 -7.25
CA LEU A 13 -0.16 1.34 -6.76
C LEU A 13 -0.34 0.81 -5.35
N HIS A 14 0.76 0.28 -4.77
CA HIS A 14 0.65 -0.49 -3.53
C HIS A 14 1.88 -0.05 -2.60
N VAL A 15 1.63 0.96 -1.75
CA VAL A 15 2.69 1.34 -0.81
C VAL A 15 1.84 2.01 0.33
N HIS A 16 2.18 1.48 1.53
CA HIS A 16 1.48 2.06 2.68
C HIS A 16 2.32 3.27 3.27
N LEU A 17 1.54 4.30 3.57
CA LEU A 17 2.14 5.57 4.21
C LEU A 17 2.89 5.36 5.55
N ASP A 18 2.20 4.60 6.39
CA ASP A 18 2.72 4.12 7.64
C ASP A 18 3.84 3.15 7.58
N GLY A 19 4.14 2.58 6.41
CA GLY A 19 5.43 1.88 6.23
C GLY A 19 6.48 2.60 5.33
N ALA A 20 6.26 3.94 5.32
CA ALA A 20 6.98 4.81 4.35
C ALA A 20 7.26 6.15 4.99
N ILE A 21 7.89 6.02 6.22
CA ILE A 21 8.20 7.22 7.03
C ILE A 21 9.71 7.30 7.20
N LYS A 22 10.28 8.51 7.08
CA LYS A 22 11.79 8.63 7.28
C LYS A 22 12.20 8.40 8.77
N PRO A 23 13.26 7.60 8.94
CA PRO A 23 13.75 7.37 10.32
C PRO A 23 13.97 8.63 11.11
N GLU A 24 14.68 9.53 10.46
CA GLU A 24 14.88 10.90 11.04
C GLU A 24 13.65 11.70 11.45
N THR A 25 12.62 11.51 10.66
CA THR A 25 11.39 12.04 11.22
C THR A 25 10.63 11.40 12.37
N ILE A 26 10.73 10.06 12.41
CA ILE A 26 10.32 9.30 13.58
C ILE A 26 11.09 9.85 14.85
N LEU A 27 12.37 10.01 14.62
CA LEU A 27 13.23 10.45 15.73
C LEU A 27 12.98 11.90 16.22
N TYR A 28 12.88 12.77 15.19
CA TYR A 28 12.34 14.11 15.45
C TYR A 28 11.12 14.27 16.34
N TYR A 29 9.99 13.59 16.09
CA TYR A 29 8.80 13.66 16.95
C TYR A 29 8.77 12.84 18.24
N GLY A 30 9.59 11.79 18.15
CA GLY A 30 9.90 10.98 19.31
C GLY A 30 10.48 11.95 20.37
N LYS A 31 11.60 12.53 19.94
CA LYS A 31 12.37 13.43 20.82
C LYS A 31 11.55 14.61 21.33
N ARG A 32 10.84 15.15 20.36
CA ARG A 32 9.87 16.19 20.75
C ARG A 32 8.70 15.92 21.66
N ARG A 33 8.18 14.70 21.62
CA ARG A 33 6.95 14.42 22.38
C ARG A 33 7.18 13.49 23.57
N GLY A 34 8.43 13.07 23.51
CA GLY A 34 8.92 12.24 24.61
C GLY A 34 8.58 10.76 24.47
N ILE A 35 8.77 10.14 23.30
CA ILE A 35 8.22 8.77 23.36
C ILE A 35 9.28 7.68 23.42
N ALA A 36 10.43 8.00 22.88
CA ALA A 36 11.45 6.92 23.01
C ALA A 36 11.35 5.51 22.43
N LEU A 37 12.41 5.21 21.83
CA LEU A 37 12.37 4.31 20.72
C LEU A 37 13.69 3.54 20.93
N PRO A 38 13.76 2.34 20.38
CA PRO A 38 14.95 1.52 20.61
C PRO A 38 16.26 2.18 20.29
N ALA A 39 16.33 3.04 19.29
CA ALA A 39 17.51 3.89 19.38
C ALA A 39 17.39 5.39 19.36
N ASP A 40 18.54 6.02 19.20
CA ASP A 40 18.53 7.40 18.75
C ASP A 40 19.35 7.83 17.54
N THR A 41 19.91 6.94 16.79
CA THR A 41 20.41 7.53 15.53
C THR A 41 19.47 7.18 14.35
N PRO A 42 19.52 7.84 13.17
CA PRO A 42 18.70 7.33 12.07
C PRO A 42 19.20 5.98 11.65
N GLU A 43 20.50 5.92 11.31
CA GLU A 43 20.98 4.61 11.01
C GLU A 43 20.74 3.49 11.98
N GLU A 44 20.82 3.77 13.33
CA GLU A 44 20.54 2.58 14.19
C GLU A 44 19.07 2.15 14.23
N LEU A 45 18.21 3.19 14.32
CA LEU A 45 16.73 3.00 14.21
C LEU A 45 16.32 2.34 12.91
N GLN A 46 16.79 2.84 11.77
CA GLN A 46 16.64 2.14 10.52
C GLN A 46 17.00 0.69 10.61
N ASN A 47 18.17 0.45 11.31
CA ASN A 47 18.60 -0.95 11.41
C ASN A 47 17.74 -1.88 12.27
N ILE A 48 17.22 -1.35 13.38
CA ILE A 48 16.17 -2.04 14.11
C ILE A 48 14.75 -2.24 13.45
N ILE A 49 14.29 -1.08 12.86
CA ILE A 49 12.93 -1.17 12.18
C ILE A 49 13.07 -2.15 10.97
N GLY A 50 14.22 -2.04 10.35
CA GLY A 50 14.25 -2.75 9.09
C GLY A 50 14.43 -4.26 9.30
N MET A 51 14.14 -4.96 8.23
CA MET A 51 14.15 -6.43 8.35
C MET A 51 15.21 -6.98 7.36
N ASP A 52 15.87 -8.10 7.77
CA ASP A 52 16.54 -8.84 6.71
C ASP A 52 16.36 -10.30 6.53
N LYS A 53 15.35 -10.65 7.32
CA LYS A 53 14.87 -11.96 7.63
C LYS A 53 13.32 -11.99 7.92
N PRO A 54 12.61 -13.02 7.42
CA PRO A 54 11.25 -13.16 7.92
C PRO A 54 11.09 -13.32 9.43
N LEU A 55 9.91 -12.92 9.90
CA LEU A 55 9.59 -12.77 11.29
C LEU A 55 8.25 -13.30 11.52
N THR A 56 7.99 -13.78 12.70
CA THR A 56 6.61 -13.97 13.04
C THR A 56 5.67 -12.70 12.88
N LEU A 57 4.31 -12.93 12.76
CA LEU A 57 3.36 -11.79 12.89
C LEU A 57 3.57 -10.88 14.12
N PRO A 58 3.69 -11.40 15.45
CA PRO A 58 3.87 -10.42 16.48
C PRO A 58 5.12 -9.60 16.43
N ASP A 59 6.19 -10.21 15.94
CA ASP A 59 7.49 -9.56 15.90
C ASP A 59 7.43 -8.52 14.71
N PHE A 60 6.55 -8.81 13.70
CA PHE A 60 6.38 -7.71 12.65
C PHE A 60 5.62 -6.52 13.12
N LEU A 61 4.43 -6.80 13.71
CA LEU A 61 3.61 -5.73 14.33
C LEU A 61 4.17 -4.92 15.52
N ALA A 62 5.07 -5.66 16.27
CA ALA A 62 5.88 -4.94 17.23
C ALA A 62 6.62 -3.68 16.77
N LYS A 63 7.07 -3.83 15.51
CA LYS A 63 7.78 -2.71 14.95
C LYS A 63 6.94 -1.47 14.78
N PHE A 64 5.65 -1.67 14.35
CA PHE A 64 4.62 -0.56 14.42
C PHE A 64 4.31 0.03 15.89
N ASP A 65 4.17 -0.94 16.87
CA ASP A 65 4.38 -0.41 18.28
C ASP A 65 5.54 0.39 18.69
N TYR A 66 6.66 0.33 18.01
CA TYR A 66 7.62 1.39 18.50
C TYR A 66 7.45 2.77 17.99
N TYR A 67 7.10 2.70 16.68
CA TYR A 67 7.40 3.90 15.96
C TYR A 67 6.21 4.78 15.77
N MET A 68 5.05 4.12 15.50
CA MET A 68 3.77 4.81 15.32
C MET A 68 3.41 5.78 16.36
N PRO A 69 3.70 5.50 17.70
CA PRO A 69 3.39 6.55 18.70
C PRO A 69 4.11 7.82 18.47
N ALA A 70 5.27 7.75 17.77
CA ALA A 70 5.88 9.06 17.46
C ALA A 70 5.02 9.96 16.48
N ILE A 71 4.25 9.30 15.62
CA ILE A 71 3.50 10.09 14.57
C ILE A 71 1.98 10.23 14.88
N ALA A 72 1.40 9.05 15.23
CA ALA A 72 -0.04 9.04 15.60
C ALA A 72 -0.42 10.11 16.71
N GLY A 73 -1.62 10.67 16.46
CA GLY A 73 -2.14 11.73 17.37
C GLY A 73 -1.55 13.13 17.33
N CYS A 74 -0.59 13.37 16.41
CA CYS A 74 -0.02 14.71 16.32
C CYS A 74 -0.24 15.30 14.92
N ARG A 75 -1.17 16.30 14.84
CA ARG A 75 -1.53 16.97 13.54
C ARG A 75 -0.37 17.22 12.60
N ASP A 76 0.66 17.86 13.28
CA ASP A 76 1.68 18.25 12.35
C ASP A 76 2.54 17.14 11.82
N ALA A 77 2.72 16.08 12.65
CA ALA A 77 3.38 14.92 12.15
C ALA A 77 2.67 14.13 11.02
N ILE A 78 1.36 14.01 11.16
CA ILE A 78 0.53 13.32 10.16
C ILE A 78 0.65 13.99 8.76
N LYS A 79 0.46 15.36 8.80
CA LYS A 79 0.62 16.09 7.52
C LYS A 79 2.05 15.96 7.01
N ARG A 80 3.11 16.12 7.92
CA ARG A 80 4.47 16.03 7.40
C ARG A 80 4.85 14.68 6.75
N ILE A 81 4.44 13.62 7.43
CA ILE A 81 4.69 12.31 6.79
C ILE A 81 4.14 12.11 5.32
N ALA A 82 2.92 12.65 5.20
CA ALA A 82 2.23 12.66 3.88
C ALA A 82 3.05 13.50 2.84
N TYR A 83 3.47 14.74 3.31
CA TYR A 83 4.36 15.58 2.47
C TYR A 83 5.67 14.97 1.95
N GLU A 84 6.37 14.46 2.96
CA GLU A 84 7.67 13.82 2.73
C GLU A 84 7.60 12.44 1.95
N PHE A 85 6.48 11.75 2.09
CA PHE A 85 6.21 10.55 1.21
C PHE A 85 6.26 10.95 -0.25
N VAL A 86 5.60 12.09 -0.50
CA VAL A 86 5.53 12.52 -1.93
C VAL A 86 6.95 12.80 -2.54
N GLU A 87 7.64 13.52 -1.63
CA GLU A 87 9.06 13.69 -1.92
C GLU A 87 9.95 12.47 -2.24
N MET A 88 9.78 11.44 -1.38
CA MET A 88 10.45 10.18 -1.70
C MET A 88 10.20 9.49 -3.04
N LYS A 89 8.89 9.54 -3.34
CA LYS A 89 8.47 9.00 -4.64
C LYS A 89 8.98 9.75 -5.85
N ALA A 90 9.11 11.06 -5.60
CA ALA A 90 9.75 11.88 -6.60
C ALA A 90 11.21 11.41 -6.86
N LYS A 91 11.96 11.12 -5.83
CA LYS A 91 13.23 10.57 -6.09
C LYS A 91 13.25 9.15 -6.73
N ASP A 92 12.22 8.38 -6.56
CA ASP A 92 12.17 7.06 -7.28
C ASP A 92 11.79 7.20 -8.84
N GLY A 93 11.59 8.44 -9.25
CA GLY A 93 11.04 8.60 -10.63
C GLY A 93 9.58 8.21 -10.95
N VAL A 94 8.70 8.12 -9.91
CA VAL A 94 7.25 7.88 -10.01
C VAL A 94 6.48 9.20 -10.51
N VAL A 95 5.58 9.01 -11.53
CA VAL A 95 4.77 10.16 -11.96
C VAL A 95 3.33 10.09 -11.48
N TYR A 96 2.99 8.82 -11.03
CA TYR A 96 1.70 8.68 -10.41
C TYR A 96 1.80 7.59 -9.33
N VAL A 97 1.26 7.90 -8.18
CA VAL A 97 1.26 6.86 -7.04
C VAL A 97 -0.07 6.93 -6.30
N GLU A 98 -0.55 5.67 -5.92
CA GLU A 98 -1.68 5.68 -5.01
C GLU A 98 -1.14 5.18 -3.63
N VAL A 99 -1.31 5.96 -2.62
CA VAL A 99 -0.71 5.68 -1.30
C VAL A 99 -1.91 5.34 -0.37
N ARG A 100 -1.67 4.32 0.46
CA ARG A 100 -2.74 3.84 1.37
C ARG A 100 -2.34 3.81 2.87
N TYR A 101 -3.47 3.91 3.75
CA TYR A 101 -3.11 3.80 5.14
C TYR A 101 -4.46 3.65 5.83
N SER A 102 -4.47 3.21 7.10
CA SER A 102 -5.69 3.33 7.93
C SER A 102 -5.68 4.61 8.76
N PRO A 103 -6.67 5.47 8.53
CA PRO A 103 -6.77 6.73 9.25
C PRO A 103 -7.05 6.54 10.82
N HIS A 104 -7.76 5.47 11.12
CA HIS A 104 -7.96 5.16 12.53
C HIS A 104 -6.62 4.94 13.30
N LEU A 105 -5.59 4.34 12.58
CA LEU A 105 -4.28 4.01 13.18
C LEU A 105 -3.32 5.20 13.53
N LEU A 106 -3.72 6.36 13.15
CA LEU A 106 -3.03 7.60 13.42
C LEU A 106 -3.88 8.52 14.26
N ALA A 107 -4.98 8.09 14.70
CA ALA A 107 -5.81 8.96 15.54
C ALA A 107 -5.74 8.60 17.07
N ASN A 108 -6.11 9.59 17.90
CA ASN A 108 -6.09 9.31 19.34
C ASN A 108 -7.40 9.76 20.01
N SER A 109 -8.42 10.01 19.19
CA SER A 109 -9.80 10.14 19.67
C SER A 109 -10.90 9.88 18.62
N LYS A 110 -12.04 9.64 19.21
CA LYS A 110 -13.08 8.95 18.52
C LYS A 110 -12.77 7.68 17.72
N VAL A 111 -12.00 6.86 18.36
CA VAL A 111 -11.50 5.59 17.84
C VAL A 111 -11.30 4.57 19.01
N GLU A 112 -11.91 3.44 18.80
CA GLU A 112 -11.85 2.40 19.79
C GLU A 112 -11.62 1.00 19.21
N PRO A 113 -10.73 0.22 19.82
CA PRO A 113 -9.78 0.66 20.85
C PRO A 113 -8.79 1.69 20.36
N ILE A 114 -8.47 2.68 21.24
CA ILE A 114 -7.37 3.62 20.82
C ILE A 114 -6.04 2.93 20.47
N PRO A 115 -5.47 3.22 19.26
CA PRO A 115 -4.29 2.47 18.87
C PRO A 115 -2.97 2.71 19.64
N TRP A 116 -2.12 1.71 19.63
CA TRP A 116 -0.71 1.85 20.03
C TRP A 116 -0.59 2.29 21.52
N ASN A 117 -1.52 1.88 22.36
CA ASN A 117 -1.32 2.33 23.76
C ASN A 117 -1.43 3.81 24.06
N GLN A 118 -1.99 4.55 23.03
CA GLN A 118 -1.97 6.02 23.14
C GLN A 118 -2.87 6.50 24.20
N ALA A 119 -2.50 7.60 24.94
CA ALA A 119 -3.64 8.12 25.70
C ALA A 119 -4.64 8.94 24.86
N GLU A 120 -5.84 8.99 25.33
CA GLU A 120 -6.75 9.86 24.63
C GLU A 120 -6.30 11.33 24.44
N GLY A 121 -6.66 11.87 23.25
CA GLY A 121 -6.20 13.17 22.86
C GLY A 121 -7.40 13.74 22.10
N ASP A 122 -7.07 14.53 21.05
CA ASP A 122 -8.21 15.02 20.22
C ASP A 122 -8.07 15.08 18.66
N LEU A 123 -7.18 14.19 18.13
CA LEU A 123 -7.10 13.98 16.67
C LEU A 123 -8.08 12.82 16.29
N THR A 124 -9.15 13.24 15.58
CA THR A 124 -10.02 12.16 15.14
C THR A 124 -9.59 11.42 13.82
N PRO A 125 -10.21 10.34 13.46
CA PRO A 125 -9.85 9.77 12.18
C PRO A 125 -10.25 10.65 10.91
N ASP A 126 -11.41 11.29 11.03
CA ASP A 126 -11.75 12.24 9.88
C ASP A 126 -10.64 13.34 9.69
N GLU A 127 -10.34 13.90 10.85
CA GLU A 127 -9.26 14.85 10.83
C GLU A 127 -7.93 14.35 10.30
N VAL A 128 -7.60 13.07 10.69
CA VAL A 128 -6.45 12.46 10.04
C VAL A 128 -6.50 12.46 8.48
N VAL A 129 -7.71 12.13 7.88
CA VAL A 129 -7.76 12.06 6.38
C VAL A 129 -7.44 13.45 5.79
N SER A 130 -8.00 14.46 6.57
CA SER A 130 -7.89 15.88 6.07
C SER A 130 -6.46 16.37 6.00
N LEU A 131 -5.68 16.05 7.10
CA LEU A 131 -4.25 16.40 7.22
C LEU A 131 -3.42 15.69 6.14
N VAL A 132 -3.78 14.37 5.98
CA VAL A 132 -3.04 13.58 4.97
C VAL A 132 -3.24 14.19 3.58
N ASN A 133 -4.52 14.45 3.35
CA ASN A 133 -4.84 15.13 2.07
C ASN A 133 -4.02 16.34 1.75
N GLN A 134 -3.97 17.23 2.81
CA GLN A 134 -3.15 18.46 2.76
C GLN A 134 -1.71 18.25 2.39
N GLY A 135 -1.07 17.35 3.17
CA GLY A 135 0.33 17.07 2.88
C GLY A 135 0.59 16.50 1.46
N LEU A 136 -0.34 15.63 1.05
CA LEU A 136 -0.16 14.89 -0.25
C LEU A 136 -0.39 15.97 -1.37
N GLN A 137 -1.44 16.82 -1.20
CA GLN A 137 -1.74 17.92 -2.20
C GLN A 137 -0.67 19.03 -2.24
N GLU A 138 -0.18 19.49 -1.05
CA GLU A 138 1.13 20.19 -1.06
C GLU A 138 2.35 19.47 -1.72
N GLY A 139 2.58 18.18 -1.40
CA GLY A 139 3.76 17.49 -2.05
C GLY A 139 3.59 17.32 -3.57
N GLU A 140 2.31 17.06 -3.99
CA GLU A 140 2.04 17.07 -5.45
C GLU A 140 2.41 18.44 -6.19
N ARG A 141 1.81 19.47 -5.60
CA ARG A 141 2.13 20.84 -6.01
C ARG A 141 3.65 21.19 -6.03
N ASP A 142 4.38 20.75 -5.01
CA ASP A 142 5.80 20.99 -4.87
C ASP A 142 6.78 20.14 -5.63
N PHE A 143 6.43 18.84 -5.71
CA PHE A 143 7.32 17.78 -6.28
C PHE A 143 7.01 17.23 -7.62
N GLY A 144 5.80 17.55 -8.02
CA GLY A 144 5.53 17.16 -9.41
C GLY A 144 5.15 15.72 -9.63
N VAL A 145 4.52 15.11 -8.62
CA VAL A 145 4.16 13.65 -8.80
C VAL A 145 2.67 13.79 -8.59
N LYS A 146 1.87 13.10 -9.42
CA LYS A 146 0.49 13.17 -9.14
C LYS A 146 0.15 12.02 -8.12
N VAL A 147 -0.70 12.32 -7.16
CA VAL A 147 -0.84 11.46 -5.95
C VAL A 147 -2.34 11.33 -5.56
N ARG A 148 -2.79 10.07 -5.37
CA ARG A 148 -4.15 9.88 -4.80
C ARG A 148 -3.97 8.87 -3.61
N SER A 149 -4.97 8.86 -2.83
CA SER A 149 -4.89 7.95 -1.71
C SER A 149 -6.05 6.96 -1.63
N ILE A 150 -5.77 5.87 -0.79
CA ILE A 150 -6.69 4.83 -0.49
C ILE A 150 -6.69 4.57 1.09
N LEU A 151 -7.91 4.56 1.59
CA LEU A 151 -8.19 4.30 3.00
C LEU A 151 -8.39 2.76 3.29
N CYS A 152 -7.70 2.23 4.30
CA CYS A 152 -7.68 0.80 4.56
C CYS A 152 -8.63 0.57 5.74
N CYS A 153 -9.58 -0.33 5.48
CA CYS A 153 -10.22 -1.10 6.57
C CYS A 153 -9.15 -2.08 7.13
N MET A 154 -9.39 -2.45 8.43
CA MET A 154 -8.50 -3.42 9.14
C MET A 154 -9.22 -4.71 9.44
N ARG A 155 -8.65 -5.77 8.89
CA ARG A 155 -9.18 -7.12 9.02
C ARG A 155 -9.71 -7.44 10.42
N HIS A 156 -8.92 -7.06 11.48
CA HIS A 156 -9.36 -7.51 12.83
C HIS A 156 -10.42 -6.54 13.46
N GLN A 157 -10.69 -5.40 12.75
CA GLN A 157 -11.62 -4.44 13.27
C GLN A 157 -12.78 -4.05 12.30
N PRO A 158 -13.74 -5.00 11.95
CA PRO A 158 -14.80 -4.61 11.05
C PRO A 158 -15.58 -3.43 11.53
N SER A 159 -15.49 -3.00 12.88
CA SER A 159 -16.34 -1.88 13.38
C SER A 159 -15.97 -0.55 12.84
N TRP A 160 -14.76 -0.47 12.32
CA TRP A 160 -14.23 0.75 11.69
C TRP A 160 -14.69 0.95 10.21
N SER A 161 -15.18 -0.11 9.58
CA SER A 161 -15.20 -0.21 8.04
C SER A 161 -16.24 0.65 7.44
N SER A 162 -17.36 0.78 8.15
CA SER A 162 -18.27 1.74 7.52
C SER A 162 -17.86 3.27 7.67
N GLU A 163 -16.99 3.45 8.73
CA GLU A 163 -16.48 4.77 8.68
C GLU A 163 -15.39 4.97 7.65
N VAL A 164 -14.60 3.92 7.39
CA VAL A 164 -13.71 4.05 6.18
C VAL A 164 -14.49 4.40 4.91
N VAL A 165 -15.48 3.63 4.65
CA VAL A 165 -16.11 3.91 3.32
C VAL A 165 -16.81 5.33 3.33
N GLU A 166 -17.40 5.70 4.45
CA GLU A 166 -17.96 7.09 4.58
C GLU A 166 -16.94 8.21 4.42
N LEU A 167 -15.73 7.80 4.91
CA LEU A 167 -14.62 8.75 4.65
C LEU A 167 -14.11 8.86 3.18
N CYS A 168 -14.04 7.68 2.57
CA CYS A 168 -13.76 7.67 1.11
C CYS A 168 -14.84 8.45 0.28
N LYS A 169 -16.06 8.43 0.78
CA LYS A 169 -17.06 9.16 0.07
C LYS A 169 -16.99 10.73 0.30
N LYS A 170 -16.70 11.09 1.51
CA LYS A 170 -16.66 12.52 1.93
C LYS A 170 -15.53 13.24 1.26
N TYR A 171 -14.32 12.60 1.27
CA TYR A 171 -13.09 13.09 0.70
C TYR A 171 -12.78 12.64 -0.79
N ARG A 172 -13.81 12.20 -1.53
CA ARG A 172 -13.64 11.58 -2.84
C ARG A 172 -13.06 12.56 -3.89
N GLU A 173 -12.26 11.97 -4.72
CA GLU A 173 -11.26 12.56 -5.66
C GLU A 173 -10.07 13.36 -5.13
N GLN A 174 -10.16 13.53 -3.79
CA GLN A 174 -9.82 14.76 -3.00
C GLN A 174 -9.13 14.79 -1.67
N THR A 175 -8.17 13.85 -1.56
CA THR A 175 -7.60 13.00 -2.80
C THR A 175 -7.93 11.42 -2.83
N VAL A 176 -8.98 11.03 -2.06
CA VAL A 176 -9.22 9.60 -1.96
C VAL A 176 -10.06 8.90 -3.10
N VAL A 177 -9.42 7.91 -3.69
CA VAL A 177 -10.05 7.22 -4.76
C VAL A 177 -10.52 5.76 -4.52
N ALA A 178 -10.24 5.18 -3.35
CA ALA A 178 -10.62 3.81 -3.27
C ALA A 178 -10.54 3.35 -1.76
N ILE A 179 -11.12 2.19 -1.56
CA ILE A 179 -11.02 1.46 -0.24
C ILE A 179 -10.16 0.25 -0.35
N ASP A 180 -9.41 -0.03 0.79
CA ASP A 180 -8.64 -1.33 0.84
C ASP A 180 -8.97 -2.11 2.22
N LEU A 181 -8.62 -3.38 2.15
CA LEU A 181 -8.76 -4.24 3.35
C LEU A 181 -7.27 -4.80 3.60
N ALA A 182 -6.71 -4.32 4.70
CA ALA A 182 -5.34 -4.72 5.12
C ALA A 182 -5.37 -5.35 6.56
N GLY A 183 -4.21 -5.82 6.99
CA GLY A 183 -3.96 -6.43 8.37
C GLY A 183 -3.67 -7.88 8.14
N ASP A 184 -4.18 -8.62 9.07
CA ASP A 184 -3.87 -10.08 9.04
C ASP A 184 -4.90 -10.89 8.21
N GLU A 185 -4.53 -11.29 7.02
CA GLU A 185 -5.51 -11.98 6.18
C GLU A 185 -5.72 -13.38 6.65
N THR A 186 -5.00 -13.85 7.71
CA THR A 186 -5.17 -15.32 8.00
C THR A 186 -6.29 -15.54 9.09
N ILE A 187 -6.76 -14.36 9.64
CA ILE A 187 -7.82 -14.38 10.61
C ILE A 187 -9.01 -15.11 9.97
N GLU A 188 -9.40 -16.24 10.55
CA GLU A 188 -10.51 -17.04 10.00
C GLU A 188 -11.83 -16.26 9.74
N GLY A 189 -12.35 -16.36 8.52
CA GLY A 189 -13.69 -15.81 8.24
C GLY A 189 -13.54 -14.23 7.88
N SER A 190 -12.27 -13.70 8.02
CA SER A 190 -12.31 -12.21 8.13
C SER A 190 -12.71 -11.44 6.86
N SER A 191 -12.51 -12.03 5.72
CA SER A 191 -13.06 -11.38 4.40
C SER A 191 -14.58 -11.27 4.45
N LEU A 192 -15.15 -12.17 5.34
CA LEU A 192 -16.63 -12.17 5.38
C LEU A 192 -17.26 -11.53 6.59
N PHE A 193 -16.49 -10.92 7.48
CA PHE A 193 -17.13 -10.23 8.57
C PHE A 193 -18.20 -9.17 8.07
N PRO A 194 -19.38 -9.12 8.69
CA PRO A 194 -20.42 -8.29 8.10
C PRO A 194 -20.01 -6.86 7.89
N GLY A 195 -19.28 -6.34 8.87
CA GLY A 195 -18.77 -4.96 8.78
C GLY A 195 -17.87 -4.71 7.47
N HIS A 196 -16.96 -5.67 7.19
CA HIS A 196 -16.31 -5.47 5.93
C HIS A 196 -17.21 -5.63 4.61
N VAL A 197 -17.95 -6.73 4.58
CA VAL A 197 -18.86 -6.99 3.41
C VAL A 197 -19.78 -5.77 3.18
N GLN A 198 -20.35 -5.20 4.27
CA GLN A 198 -21.25 -4.09 4.06
C GLN A 198 -20.58 -2.78 3.61
N ALA A 199 -19.32 -2.59 4.14
CA ALA A 199 -18.54 -1.46 3.59
C ALA A 199 -18.16 -1.61 2.14
N TYR A 200 -17.77 -2.84 1.71
CA TYR A 200 -17.47 -2.91 0.27
C TYR A 200 -18.76 -2.92 -0.63
N ALA A 201 -19.86 -3.43 -0.11
CA ALA A 201 -21.17 -3.22 -0.86
C ALA A 201 -21.66 -1.75 -0.93
N GLU A 202 -21.27 -0.98 0.20
CA GLU A 202 -21.58 0.45 0.06
C GLU A 202 -20.61 1.13 -0.94
N ALA A 203 -19.31 0.58 -1.00
CA ALA A 203 -18.30 1.13 -1.95
C ALA A 203 -18.85 0.91 -3.49
N VAL A 204 -19.39 -0.25 -3.71
CA VAL A 204 -20.09 -0.45 -5.01
C VAL A 204 -21.30 0.52 -5.29
N LYS A 205 -22.12 0.50 -4.26
CA LYS A 205 -23.22 1.51 -4.38
C LYS A 205 -22.86 2.96 -4.60
N SER A 206 -21.79 3.47 -3.97
CA SER A 206 -21.47 4.86 -4.13
C SER A 206 -20.34 5.23 -5.14
N GLY A 207 -19.92 4.22 -5.96
CA GLY A 207 -18.85 4.41 -6.96
C GLY A 207 -17.40 4.67 -6.42
N VAL A 208 -17.17 4.09 -5.26
CA VAL A 208 -15.76 4.00 -4.75
C VAL A 208 -15.04 2.71 -5.09
N HIS A 209 -13.93 2.91 -5.77
CA HIS A 209 -13.11 1.77 -6.26
C HIS A 209 -12.57 0.94 -5.10
N ARG A 210 -12.20 -0.26 -5.49
CA ARG A 210 -11.87 -1.27 -4.42
C ARG A 210 -10.58 -2.15 -4.80
N THR A 211 -9.58 -2.18 -3.83
CA THR A 211 -8.58 -3.25 -3.84
C THR A 211 -8.67 -4.01 -2.40
N VAL A 212 -8.11 -5.18 -2.38
CA VAL A 212 -8.09 -5.97 -1.11
C VAL A 212 -6.74 -6.79 -1.13
N HIS A 213 -6.02 -6.74 0.10
CA HIS A 213 -4.89 -7.65 0.20
C HIS A 213 -5.32 -9.07 0.30
N ALA A 214 -4.88 -9.95 -0.61
CA ALA A 214 -5.37 -11.31 -0.57
C ALA A 214 -4.42 -12.26 -1.24
N GLY A 215 -4.12 -13.39 -0.61
CA GLY A 215 -3.28 -14.31 -1.43
C GLY A 215 -1.80 -14.06 -1.19
N GLU A 216 -1.53 -13.14 -0.19
CA GLU A 216 -0.14 -12.81 0.17
C GLU A 216 0.47 -14.02 0.95
N VAL A 217 -0.32 -14.34 1.98
CA VAL A 217 -0.02 -15.45 3.03
C VAL A 217 -1.29 -16.32 3.25
N GLY A 218 -2.35 -15.81 2.61
CA GLY A 218 -3.66 -16.37 2.75
C GLY A 218 -3.78 -17.30 1.53
N SER A 219 -4.76 -18.21 1.78
CA SER A 219 -4.94 -19.15 0.71
C SER A 219 -5.58 -18.56 -0.57
N ALA A 220 -5.60 -19.37 -1.67
CA ALA A 220 -6.48 -19.02 -2.84
C ALA A 220 -7.97 -18.72 -2.54
N ASN A 221 -8.52 -19.38 -1.51
CA ASN A 221 -9.88 -19.05 -1.05
C ASN A 221 -10.08 -17.58 -0.50
N VAL A 222 -8.97 -17.08 0.14
CA VAL A 222 -9.07 -15.66 0.46
C VAL A 222 -9.14 -14.66 -0.67
N VAL A 223 -8.35 -15.02 -1.75
CA VAL A 223 -8.51 -14.33 -3.04
C VAL A 223 -9.93 -14.53 -3.56
N LYS A 224 -10.44 -15.74 -3.47
CA LYS A 224 -11.76 -15.93 -4.14
C LYS A 224 -12.88 -15.11 -3.43
N GLU A 225 -12.75 -15.07 -2.07
CA GLU A 225 -13.71 -14.22 -1.38
C GLU A 225 -13.61 -12.70 -1.72
N ALA A 226 -12.31 -12.23 -1.92
CA ALA A 226 -12.05 -10.82 -2.21
C ALA A 226 -12.79 -10.48 -3.53
N VAL A 227 -12.63 -11.42 -4.50
CA VAL A 227 -13.24 -11.12 -5.86
C VAL A 227 -14.81 -11.30 -5.94
N ASP A 228 -15.24 -12.43 -5.44
CA ASP A 228 -16.67 -12.83 -5.56
C ASP A 228 -17.66 -12.18 -4.52
N THR A 229 -17.13 -12.06 -3.24
CA THR A 229 -17.99 -11.37 -2.25
C THR A 229 -17.67 -9.87 -1.97
N LEU A 230 -16.37 -9.46 -1.91
CA LEU A 230 -16.19 -8.01 -1.66
C LEU A 230 -16.16 -7.28 -3.02
N LYS A 231 -16.18 -8.11 -4.11
CA LYS A 231 -16.13 -7.43 -5.42
C LYS A 231 -14.91 -6.56 -5.82
N THR A 232 -13.73 -7.03 -5.38
CA THR A 232 -12.64 -6.12 -5.50
C THR A 232 -12.27 -5.97 -7.03
N GLU A 233 -11.55 -4.91 -7.33
CA GLU A 233 -11.20 -4.57 -8.75
C GLU A 233 -9.76 -4.84 -9.01
N ARG A 234 -8.99 -4.82 -7.86
CA ARG A 234 -7.54 -5.16 -7.97
C ARG A 234 -7.18 -6.10 -6.67
N LEU A 235 -6.05 -6.83 -6.75
CA LEU A 235 -5.60 -7.65 -5.64
C LEU A 235 -4.23 -7.18 -5.16
N GLY A 236 -4.16 -6.98 -3.88
CA GLY A 236 -2.88 -6.76 -3.17
C GLY A 236 -2.10 -8.11 -3.05
N HIS A 237 -1.03 -8.23 -3.84
CA HIS A 237 -0.18 -9.42 -4.01
C HIS A 237 -0.91 -10.48 -4.83
N GLY A 238 -1.88 -11.22 -4.26
CA GLY A 238 -2.67 -12.19 -5.05
C GLY A 238 -1.84 -13.47 -5.37
N TYR A 239 -0.62 -13.61 -4.72
CA TYR A 239 0.21 -14.74 -5.20
C TYR A 239 -0.43 -16.17 -5.21
N HIS A 240 -1.26 -16.36 -4.14
CA HIS A 240 -1.64 -17.78 -3.98
C HIS A 240 -2.82 -18.10 -4.86
N THR A 241 -3.09 -17.10 -5.74
CA THR A 241 -4.15 -17.43 -6.70
C THR A 241 -3.79 -18.66 -7.60
N LEU A 242 -2.49 -18.69 -7.83
CA LEU A 242 -1.93 -19.75 -8.57
C LEU A 242 -2.23 -21.19 -8.01
N GLU A 243 -2.52 -21.31 -6.70
CA GLU A 243 -2.91 -22.67 -6.26
C GLU A 243 -4.39 -23.16 -6.54
N ASP A 244 -5.15 -22.24 -7.29
CA ASP A 244 -6.48 -22.57 -7.81
C ASP A 244 -6.48 -22.30 -9.30
N THR A 245 -6.32 -23.39 -10.12
CA THR A 245 -6.12 -23.12 -11.51
C THR A 245 -7.24 -22.46 -12.28
N THR A 246 -8.44 -22.86 -11.98
CA THR A 246 -9.59 -22.28 -12.72
C THR A 246 -9.82 -20.78 -12.26
N LEU A 247 -9.59 -20.58 -10.93
CA LEU A 247 -9.60 -19.13 -10.42
C LEU A 247 -8.47 -18.32 -11.17
N TYR A 248 -7.25 -18.96 -11.24
CA TYR A 248 -6.20 -18.23 -11.96
C TYR A 248 -6.57 -17.91 -13.41
N ASN A 249 -7.12 -18.94 -14.06
CA ASN A 249 -7.54 -18.72 -15.43
C ASN A 249 -8.64 -17.65 -15.59
N ARG A 250 -9.58 -17.71 -14.70
CA ARG A 250 -10.63 -16.69 -14.82
C ARG A 250 -10.23 -15.26 -14.58
N LEU A 251 -9.24 -15.12 -13.67
CA LEU A 251 -8.75 -13.79 -13.32
C LEU A 251 -7.84 -13.28 -14.48
N ARG A 252 -7.20 -14.25 -15.15
CA ARG A 252 -6.58 -13.77 -16.40
C ARG A 252 -7.60 -13.46 -17.48
N GLN A 253 -8.63 -14.30 -17.56
CA GLN A 253 -9.57 -13.87 -18.54
C GLN A 253 -10.25 -12.51 -18.31
N GLU A 254 -10.42 -12.17 -17.00
CA GLU A 254 -11.03 -10.83 -16.81
C GLU A 254 -10.12 -9.58 -16.66
N ASN A 255 -8.88 -9.88 -16.98
CA ASN A 255 -7.82 -8.94 -16.83
C ASN A 255 -7.67 -8.35 -15.43
N MET A 256 -7.86 -9.22 -14.41
CA MET A 256 -7.72 -8.64 -13.06
C MET A 256 -6.27 -8.08 -12.81
N HIS A 257 -6.16 -6.91 -12.06
CA HIS A 257 -4.77 -6.37 -11.84
C HIS A 257 -4.21 -7.00 -10.51
N PHE A 258 -3.02 -7.55 -10.62
CA PHE A 258 -2.21 -8.03 -9.42
C PHE A 258 -1.08 -7.01 -9.03
N GLU A 259 -1.24 -6.50 -7.80
CA GLU A 259 -0.30 -5.52 -7.21
C GLU A 259 0.89 -6.20 -6.55
N ILE A 260 2.02 -6.44 -7.35
CA ILE A 260 3.05 -7.39 -6.80
C ILE A 260 4.13 -6.59 -6.02
N CYS A 261 4.70 -7.19 -4.95
CA CYS A 261 5.67 -6.48 -4.12
C CYS A 261 6.84 -7.52 -3.99
N PRO A 262 7.69 -7.61 -5.03
CA PRO A 262 8.55 -8.72 -5.02
C PRO A 262 9.56 -8.82 -3.76
N TRP A 263 10.15 -7.69 -3.45
CA TRP A 263 11.11 -7.59 -2.31
C TRP A 263 10.49 -7.74 -0.92
N SER A 264 9.36 -7.07 -0.68
CA SER A 264 8.44 -7.40 0.44
C SER A 264 8.16 -8.89 0.60
N SER A 265 7.81 -9.49 -0.57
CA SER A 265 7.51 -10.98 -0.54
C SER A 265 8.67 -11.93 -0.14
N TYR A 266 9.86 -11.56 -0.63
CA TYR A 266 11.01 -12.22 -0.01
C TYR A 266 11.29 -12.01 1.51
N LEU A 267 11.24 -10.71 1.90
CA LEU A 267 11.48 -10.49 3.31
C LEU A 267 10.53 -10.97 4.28
N THR A 268 9.29 -10.96 3.86
CA THR A 268 8.22 -11.42 4.79
C THR A 268 8.11 -13.00 4.97
N GLY A 269 8.80 -13.63 4.13
CA GLY A 269 8.61 -15.04 3.90
C GLY A 269 7.41 -15.46 3.11
N ALA A 270 6.64 -14.46 2.66
CA ALA A 270 5.65 -14.81 1.69
C ALA A 270 6.00 -15.66 0.56
N TRP A 271 7.14 -15.36 -0.08
CA TRP A 271 7.66 -16.28 -1.16
C TRP A 271 8.94 -16.95 -0.65
N LYS A 272 8.88 -18.23 -0.68
CA LYS A 272 10.11 -18.93 -0.33
C LYS A 272 11.20 -18.97 -1.36
N PRO A 273 12.37 -18.51 -0.97
CA PRO A 273 13.36 -18.12 -1.95
C PRO A 273 13.81 -19.23 -2.92
N ASP A 274 13.50 -20.52 -2.57
CA ASP A 274 13.94 -21.72 -3.30
C ASP A 274 12.95 -22.26 -4.31
N THR A 275 11.95 -21.45 -4.48
CA THR A 275 10.89 -21.72 -5.44
C THR A 275 10.87 -20.62 -6.57
N GLU A 276 10.16 -20.88 -7.75
CA GLU A 276 9.73 -19.90 -8.81
C GLU A 276 8.93 -18.67 -8.20
N HIS A 277 9.47 -17.45 -8.28
CA HIS A 277 8.61 -16.41 -7.68
C HIS A 277 7.31 -16.24 -8.47
N ALA A 278 6.15 -16.01 -7.80
CA ALA A 278 5.00 -15.89 -8.64
C ALA A 278 4.98 -14.90 -9.86
N VAL A 279 5.83 -13.86 -9.67
CA VAL A 279 5.83 -12.77 -10.72
C VAL A 279 6.51 -13.18 -12.02
N ILE A 280 7.49 -14.14 -11.87
CA ILE A 280 7.86 -14.74 -13.16
C ILE A 280 6.75 -15.49 -13.91
N ARG A 281 5.91 -16.24 -13.17
CA ARG A 281 4.73 -16.87 -13.89
C ARG A 281 3.75 -15.81 -14.59
N PHE A 282 3.62 -14.72 -13.72
CA PHE A 282 2.80 -13.61 -14.23
C PHE A 282 3.40 -12.97 -15.52
N LYS A 283 4.75 -12.70 -15.50
CA LYS A 283 5.40 -12.34 -16.78
C LYS A 283 5.12 -13.35 -17.93
N ASN A 284 5.35 -14.63 -17.62
CA ASN A 284 5.31 -15.63 -18.74
C ASN A 284 3.95 -15.79 -19.30
N ASP A 285 3.03 -15.54 -18.34
CA ASP A 285 1.61 -15.49 -18.67
C ASP A 285 0.97 -14.19 -19.22
N GLN A 286 1.89 -13.22 -19.44
CA GLN A 286 1.23 -11.91 -19.79
C GLN A 286 0.12 -11.33 -18.89
N VAL A 287 0.29 -11.57 -17.58
CA VAL A 287 -0.65 -11.02 -16.58
C VAL A 287 -0.65 -9.48 -16.53
N ASN A 288 -1.82 -8.94 -16.16
CA ASN A 288 -1.92 -7.47 -15.86
C ASN A 288 -1.40 -7.30 -14.39
N TYR A 289 -0.19 -6.90 -14.24
CA TYR A 289 0.36 -6.69 -12.83
C TYR A 289 1.33 -5.46 -12.78
N SER A 290 1.54 -5.01 -11.54
CA SER A 290 2.37 -3.84 -11.25
C SER A 290 3.56 -4.27 -10.29
N LEU A 291 4.60 -3.45 -10.26
CA LEU A 291 5.61 -3.67 -9.28
C LEU A 291 5.57 -2.51 -8.23
N ASN A 292 5.70 -2.95 -6.93
CA ASN A 292 5.47 -2.04 -5.83
C ASN A 292 6.38 -2.24 -4.59
N THR A 293 6.56 -1.24 -3.82
CA THR A 293 7.44 -1.36 -2.59
C THR A 293 6.86 -1.93 -1.35
N ASP A 294 5.51 -1.78 -1.23
CA ASP A 294 4.77 -2.04 0.05
C ASP A 294 5.12 -1.19 1.25
N ASP A 295 6.31 -1.42 1.84
CA ASP A 295 6.69 -0.61 3.07
C ASP A 295 8.28 -0.39 2.96
N PRO A 296 8.71 0.62 2.20
CA PRO A 296 10.21 0.95 2.10
C PRO A 296 11.04 1.05 3.42
N LEU A 297 10.36 1.53 4.46
CA LEU A 297 10.95 1.77 5.79
C LEU A 297 11.35 0.43 6.49
N ILE A 298 10.34 -0.43 6.49
CA ILE A 298 10.43 -1.70 7.14
C ILE A 298 11.32 -2.61 6.25
N PHE A 299 11.26 -2.38 4.91
CA PHE A 299 12.05 -3.31 4.07
C PHE A 299 13.44 -2.86 3.61
N LYS A 300 13.77 -1.69 4.11
CA LYS A 300 15.04 -1.10 3.69
C LYS A 300 15.28 -0.89 2.22
N SER A 301 14.20 -0.44 1.59
CA SER A 301 14.12 -0.40 0.17
C SER A 301 13.65 0.96 -0.46
N THR A 302 13.89 0.96 -1.78
CA THR A 302 13.31 2.03 -2.63
C THR A 302 12.60 1.23 -3.82
N LEU A 303 11.92 1.91 -4.72
CA LEU A 303 11.26 1.13 -5.83
C LEU A 303 12.26 0.46 -6.82
N ASP A 304 13.45 1.12 -6.89
CA ASP A 304 14.60 0.45 -7.61
C ASP A 304 15.03 -0.89 -6.98
N THR A 305 14.86 -1.02 -5.65
CA THR A 305 15.12 -2.38 -5.05
C THR A 305 14.32 -3.47 -5.74
N ASP A 306 13.00 -3.16 -5.91
CA ASP A 306 12.24 -4.22 -6.51
C ASP A 306 12.57 -4.45 -7.99
N TYR A 307 12.78 -3.31 -8.68
CA TYR A 307 13.19 -3.57 -10.06
C TYR A 307 14.56 -4.23 -10.27
N GLN A 308 15.49 -3.89 -9.32
CA GLN A 308 16.77 -4.61 -9.46
C GLN A 308 16.64 -6.15 -9.18
N MET A 309 15.76 -6.43 -8.23
CA MET A 309 15.52 -7.84 -7.91
C MET A 309 14.95 -8.66 -9.08
N THR A 310 13.90 -7.98 -9.71
CA THR A 310 13.37 -8.67 -10.90
C THR A 310 14.33 -8.59 -12.13
N LYS A 311 15.02 -7.50 -12.31
CA LYS A 311 16.01 -7.54 -13.36
C LYS A 311 17.13 -8.59 -13.27
N LYS A 312 17.85 -8.42 -12.15
CA LYS A 312 18.98 -9.31 -11.79
C LYS A 312 18.69 -10.75 -11.38
N ASP A 313 17.46 -10.91 -10.86
CA ASP A 313 17.31 -12.31 -10.42
C ASP A 313 16.42 -13.15 -11.25
N MET A 314 15.69 -12.42 -12.05
CA MET A 314 14.62 -13.06 -12.79
C MET A 314 14.58 -12.66 -14.22
N GLY A 315 15.58 -11.95 -14.72
CA GLY A 315 15.71 -11.82 -16.19
C GLY A 315 14.86 -10.79 -16.84
N PHE A 316 14.31 -9.85 -16.02
CA PHE A 316 13.26 -9.00 -16.60
C PHE A 316 13.89 -7.87 -17.42
N THR A 317 13.26 -7.61 -18.53
CA THR A 317 13.81 -6.75 -19.54
C THR A 317 13.18 -5.37 -19.52
N GLU A 318 13.73 -4.47 -20.29
CA GLU A 318 13.08 -3.17 -20.44
C GLU A 318 11.67 -3.17 -20.95
N GLU A 319 11.44 -3.97 -21.97
CA GLU A 319 10.11 -4.08 -22.56
C GLU A 319 9.06 -4.60 -21.52
N GLU A 320 9.52 -5.50 -20.68
CA GLU A 320 8.52 -5.95 -19.73
C GLU A 320 8.22 -4.80 -18.68
N PHE A 321 9.27 -4.12 -18.23
CA PHE A 321 9.09 -2.94 -17.35
C PHE A 321 8.11 -1.83 -17.92
N LYS A 322 8.33 -1.50 -19.23
CA LYS A 322 7.39 -0.64 -19.91
C LYS A 322 6.04 -1.21 -19.97
N ARG A 323 6.03 -2.52 -20.27
CA ARG A 323 4.66 -3.15 -20.25
C ARG A 323 3.76 -3.03 -18.94
N LEU A 324 4.47 -3.38 -17.86
CA LEU A 324 3.69 -3.46 -16.64
C LEU A 324 3.35 -2.07 -16.02
N ASN A 325 4.18 -1.08 -16.43
CA ASN A 325 3.84 0.30 -16.01
C ASN A 325 2.63 0.83 -16.70
N ILE A 326 2.61 0.35 -17.95
CA ILE A 326 1.38 0.75 -18.66
C ILE A 326 0.12 0.12 -18.20
N ASN A 327 0.30 -1.14 -17.84
CA ASN A 327 -0.81 -1.87 -17.20
C ASN A 327 -1.20 -1.30 -15.86
N ALA A 328 -0.24 -0.78 -15.12
CA ALA A 328 -0.57 -0.07 -13.89
C ALA A 328 -1.34 1.23 -14.03
N ALA A 329 -0.97 2.00 -15.05
CA ALA A 329 -1.78 3.13 -15.33
C ALA A 329 -3.17 2.82 -15.80
N LYS A 330 -3.22 1.75 -16.64
CA LYS A 330 -4.58 1.32 -17.14
C LYS A 330 -5.47 0.81 -15.98
N SER A 331 -4.81 0.31 -14.92
CA SER A 331 -5.52 -0.22 -13.83
C SER A 331 -5.73 0.75 -12.61
N SER A 332 -5.22 2.00 -12.84
CA SER A 332 -5.38 3.06 -11.82
C SER A 332 -6.75 3.32 -11.47
N PHE A 333 -6.99 3.91 -10.26
CA PHE A 333 -8.40 4.30 -9.95
C PHE A 333 -8.70 5.86 -10.30
N LEU A 334 -7.97 6.35 -11.30
CA LEU A 334 -8.17 7.79 -11.60
C LEU A 334 -9.47 7.91 -12.46
N PRO A 335 -10.09 9.15 -12.56
CA PRO A 335 -11.08 9.29 -13.66
C PRO A 335 -10.54 8.93 -15.04
N GLU A 336 -11.49 8.46 -15.90
CA GLU A 336 -11.15 8.16 -17.31
C GLU A 336 -10.27 9.11 -18.09
N ASP A 337 -10.64 10.38 -17.89
CA ASP A 337 -9.79 11.43 -18.52
C ASP A 337 -8.40 11.55 -18.06
N GLU A 338 -8.27 11.48 -16.70
CA GLU A 338 -6.95 11.58 -16.07
C GLU A 338 -6.02 10.38 -16.33
N LYS A 339 -6.66 9.22 -16.51
CA LYS A 339 -6.05 7.94 -16.88
C LYS A 339 -5.49 7.94 -18.29
N LYS A 340 -6.37 8.33 -19.20
CA LYS A 340 -5.82 8.55 -20.61
C LYS A 340 -4.66 9.51 -20.77
N GLU A 341 -4.72 10.59 -19.94
CA GLU A 341 -3.64 11.56 -19.80
C GLU A 341 -2.31 11.05 -19.22
N LEU A 342 -2.52 10.22 -18.15
CA LEU A 342 -1.34 9.49 -17.66
C LEU A 342 -0.71 8.62 -18.70
N LEU A 343 -1.60 7.87 -19.38
CA LEU A 343 -1.02 6.91 -20.35
C LEU A 343 -0.34 7.64 -21.50
N ASP A 344 -1.03 8.75 -21.96
CA ASP A 344 -0.38 9.57 -23.00
C ASP A 344 1.04 9.94 -22.59
N LEU A 345 1.20 10.34 -21.29
CA LEU A 345 2.53 10.68 -20.76
C LEU A 345 3.60 9.62 -20.79
N LEU A 346 3.16 8.53 -20.14
CA LEU A 346 4.00 7.30 -20.26
C LEU A 346 4.37 6.82 -21.74
N TYR A 347 3.36 6.62 -22.62
CA TYR A 347 3.69 6.07 -23.94
C TYR A 347 4.70 7.02 -24.62
N LYS A 348 4.48 8.33 -24.41
CA LYS A 348 5.53 9.26 -24.85
C LYS A 348 6.91 9.17 -24.29
N ALA A 349 7.03 9.20 -22.89
CA ALA A 349 8.35 8.80 -22.36
C ALA A 349 8.95 7.47 -22.86
N TYR A 350 8.13 6.50 -23.10
CA TYR A 350 8.67 5.20 -23.49
C TYR A 350 9.10 4.97 -24.98
N ARG A 351 8.98 6.04 -25.77
CA ARG A 351 9.69 5.80 -27.02
C ARG A 351 10.95 6.70 -27.36
#